data_2M23
#
_entry.id   2M23
#
loop_
_entity.id
_entity.type
_entity.pdbx_description
1 polymer 'RNA (29-MER)'
2 polymer "RNA_(5'-R(*CP*AP*GP*UP*GP*UP*C)-3')_"
#
loop_
_entity_poly.entity_id
_entity_poly.type
_entity_poly.pdbx_seq_one_letter_code
_entity_poly.pdbx_strand_id
1 'polyribonucleotide' GGAGUAUGUAUUGGCACUGAGCAUACUCC A
2 'polyribonucleotide' CAGUGUC B
#